data_4P1H
#
_entry.id   4P1H
#
_cell.length_a   152.459
_cell.length_b   44.904
_cell.length_c   57.567
_cell.angle_alpha   90.00
_cell.angle_beta   101.25
_cell.angle_gamma   90.00
#
_symmetry.space_group_name_H-M   'C 1 2 1'
#
loop_
_entity.id
_entity.type
_entity.pdbx_description
1 polymer 'Exoglucanase 1'
2 non-polymer 2-acetamido-2-deoxy-beta-D-glucopyranose
3 non-polymer 'SAMARIUM (III) ION'
4 non-polymer BENZAMIDINE
5 water water
#
_entity_poly.entity_id   1
_entity_poly.type   'polypeptide(L)'
_entity_poly.pdbx_seq_one_letter_code
;(PCA)SACTLQSETHPPLTWQKCSSGGTCTQQTGSVVIDANWRWTHATNSSTNCYDGNTWSSTLCPDNETCAKNCCLDGA
AYASTYGVTTSGNSLSIGFVTQSAQKNVGARLYLMASDTTYQEFTLLGNEFSFDVDVSQLPCGLNGALYFVSMDADGGVS
KYPTNTAGAKYGTGYCDSQCPRDLKFINGQANVEGWEPSSNNANTGIGGHGSCCSEMDIWEANSISEALTPHPCTTVGQE
ICEGDGCGGTYSDNRYGGTCDPDGCDWNPYRLGNTSFYGPGSSFTLDTTKKLTVVTQFETSGAINRYYVQNGVTFQQPNA
ELGSYSGNELNDDYCTAEEAEFGGSSFSDKGGLTQFKKATSGGMVLVMSLWDDYYANMLWLDSTYPTNETSSTPGAVRGS
CSTSSGVPAQVESQSPNAKVTFSNIKFGPIGSTGNP
;
_entity_poly.pdbx_strand_id   A
#
# COMPACT_ATOMS: atom_id res chain seq x y z
N SER A 2 17.57 -15.73 -7.54
CA SER A 2 17.07 -17.12 -7.28
C SER A 2 16.65 -17.17 -5.85
N ALA A 3 16.17 -18.34 -5.43
CA ALA A 3 15.78 -18.53 -4.03
C ALA A 3 16.71 -19.49 -3.32
N CYS A 4 16.93 -19.23 -2.05
CA CYS A 4 17.78 -20.11 -1.24
C CYS A 4 16.94 -20.53 -0.06
N THR A 5 17.35 -21.62 0.59
CA THR A 5 16.60 -22.19 1.67
C THR A 5 17.38 -22.39 3.00
N LEU A 6 18.31 -21.46 3.29
CA LEU A 6 18.89 -21.42 4.63
C LEU A 6 17.85 -21.23 5.68
N GLN A 7 16.75 -20.54 5.32
CA GLN A 7 15.57 -20.32 6.21
C GLN A 7 14.42 -20.85 5.35
N SER A 8 13.65 -21.82 5.86
CA SER A 8 12.51 -22.27 5.12
C SER A 8 11.48 -21.12 5.02
N GLU A 9 10.78 -21.14 3.89
CA GLU A 9 9.68 -20.17 3.66
C GLU A 9 8.31 -20.78 3.83
N THR A 10 7.54 -20.35 4.83
CA THR A 10 6.23 -20.91 5.09
C THR A 10 5.31 -19.67 5.18
N HIS A 11 4.45 -19.49 4.16
CA HIS A 11 3.54 -18.35 4.05
C HIS A 11 2.48 -18.45 5.13
N PRO A 12 2.41 -17.47 6.03
CA PRO A 12 1.33 -17.55 7.05
C PRO A 12 -0.05 -17.72 6.39
N PRO A 13 -0.88 -18.64 6.82
CA PRO A 13 -2.20 -18.86 6.19
C PRO A 13 -3.12 -17.73 6.57
N LEU A 14 -4.04 -17.42 5.66
CA LEU A 14 -5.02 -16.38 5.92
C LEU A 14 -6.28 -16.76 5.18
N THR A 15 -7.43 -16.84 5.90
CA THR A 15 -8.69 -17.15 5.21
C THR A 15 -9.38 -15.85 4.82
N TRP A 16 -10.19 -15.91 3.77
CA TRP A 16 -11.01 -14.84 3.31
C TRP A 16 -12.29 -15.37 2.69
N GLN A 17 -13.30 -14.51 2.47
CA GLN A 17 -14.62 -14.95 1.97
CA GLN A 17 -14.57 -15.01 1.92
C GLN A 17 -14.84 -14.49 0.54
N LYS A 18 -15.19 -15.41 -0.32
CA LYS A 18 -15.69 -15.04 -1.65
C LYS A 18 -17.16 -15.13 -1.65
N CYS A 19 -17.84 -14.04 -1.97
CA CYS A 19 -19.26 -13.92 -1.86
C CYS A 19 -19.91 -14.01 -3.21
N SER A 20 -21.16 -14.48 -3.23
CA SER A 20 -21.92 -14.62 -4.46
C SER A 20 -23.20 -13.79 -4.41
N SER A 21 -23.65 -13.42 -5.57
CA SER A 21 -24.94 -12.73 -5.66
CA SER A 21 -24.94 -12.73 -5.68
C SER A 21 -26.15 -13.57 -5.31
N GLY A 22 -25.89 -14.86 -5.13
CA GLY A 22 -26.93 -15.79 -4.71
C GLY A 22 -27.21 -15.85 -3.25
N GLY A 23 -26.54 -15.04 -2.46
CA GLY A 23 -26.94 -14.79 -1.13
C GLY A 23 -26.01 -15.51 -0.15
N THR A 24 -24.94 -16.17 -0.63
CA THR A 24 -23.98 -16.79 0.30
C THR A 24 -22.51 -16.43 0.10
N CYS A 25 -21.68 -16.73 1.08
CA CYS A 25 -20.22 -16.48 1.03
C CYS A 25 -19.55 -17.82 1.28
N THR A 26 -18.43 -18.08 0.62
CA THR A 26 -17.66 -19.31 0.82
C THR A 26 -16.22 -18.98 1.23
N GLN A 27 -15.77 -19.64 2.27
CA GLN A 27 -14.46 -19.42 2.78
C GLN A 27 -13.36 -19.95 1.82
N GLN A 28 -12.34 -19.12 1.61
CA GLN A 28 -11.19 -19.41 0.78
C GLN A 28 -9.96 -19.52 1.70
N THR A 29 -9.05 -20.46 1.41
CA THR A 29 -7.81 -20.60 2.21
C THR A 29 -6.69 -20.09 1.39
N GLY A 30 -6.22 -18.90 1.68
CA GLY A 30 -5.00 -18.32 1.14
C GLY A 30 -3.84 -18.24 2.13
N SER A 31 -2.93 -17.31 1.86
CA SER A 31 -1.77 -17.11 2.70
C SER A 31 -1.19 -15.76 2.29
N VAL A 32 -0.23 -15.32 3.04
CA VAL A 32 0.46 -14.07 2.78
C VAL A 32 1.95 -14.31 2.59
N VAL A 33 2.59 -13.43 1.82
CA VAL A 33 4.02 -13.52 1.59
C VAL A 33 4.60 -12.13 1.79
N ILE A 34 5.76 -12.02 2.42
CA ILE A 34 6.42 -10.75 2.55
C ILE A 34 7.16 -10.33 1.27
N ASP A 35 7.18 -9.08 0.97
CA ASP A 35 7.91 -8.53 -0.16
C ASP A 35 9.39 -8.80 -0.07
N ALA A 36 9.96 -9.11 -1.23
CA ALA A 36 11.36 -9.51 -1.42
C ALA A 36 12.34 -8.52 -0.79
N ASN A 37 12.03 -7.24 -0.72
CA ASN A 37 12.95 -6.24 -0.18
C ASN A 37 13.22 -6.42 1.26
N TRP A 38 12.35 -7.14 1.98
CA TRP A 38 12.53 -7.33 3.40
C TRP A 38 13.53 -8.47 3.70
N ARG A 39 13.80 -9.30 2.71
CA ARG A 39 14.51 -10.52 2.89
C ARG A 39 16.00 -10.39 2.87
N TRP A 40 16.67 -11.34 3.48
CA TRP A 40 18.13 -11.50 3.43
C TRP A 40 18.51 -11.86 2.01
N THR A 41 19.37 -11.05 1.40
CA THR A 41 19.91 -11.37 0.07
C THR A 41 21.40 -11.73 0.20
N HIS A 42 21.75 -12.93 -0.20
CA HIS A 42 23.09 -13.52 -0.03
C HIS A 42 23.53 -14.34 -1.18
N ALA A 43 24.78 -14.71 -1.13
CA ALA A 43 25.33 -15.50 -2.22
C ALA A 43 24.70 -16.82 -2.39
N THR A 44 24.63 -17.25 -3.61
CA THR A 44 23.97 -18.52 -3.88
C THR A 44 24.63 -19.73 -3.16
N ASN A 45 25.91 -19.67 -2.89
CA ASN A 45 26.60 -20.79 -2.23
C ASN A 45 27.26 -20.47 -0.93
N SER A 46 26.87 -19.39 -0.28
CA SER A 46 27.40 -19.07 1.01
C SER A 46 26.53 -18.08 1.73
N SER A 47 26.82 -17.84 2.99
CA SER A 47 26.08 -16.81 3.79
C SER A 47 26.56 -15.38 3.60
N THR A 48 27.46 -15.20 2.65
CA THR A 48 28.00 -13.85 2.44
C THR A 48 26.87 -12.92 1.92
N ASN A 49 26.77 -11.73 2.49
CA ASN A 49 25.67 -10.80 2.11
C ASN A 49 25.96 -10.18 0.71
N CYS A 50 24.92 -10.12 -0.11
CA CYS A 50 24.91 -9.31 -1.37
C CYS A 50 24.59 -7.84 -1.00
N TYR A 51 23.74 -7.68 0.00
CA TYR A 51 23.27 -6.33 0.47
C TYR A 51 23.29 -6.36 1.96
N ASP A 52 23.83 -5.31 2.55
CA ASP A 52 23.93 -5.26 4.03
C ASP A 52 23.96 -3.79 4.45
N GLY A 53 23.27 -3.45 5.49
CA GLY A 53 23.12 -2.04 5.79
C GLY A 53 22.29 -1.38 4.70
N ASN A 54 22.97 -0.46 4.01
CA ASN A 54 22.32 0.19 2.85
C ASN A 54 23.19 0.23 1.63
N THR A 55 24.15 -0.70 1.52
CA THR A 55 25.07 -0.80 0.39
C THR A 55 25.21 -2.25 -0.07
N TRP A 56 25.60 -2.39 -1.33
CA TRP A 56 25.76 -3.69 -1.94
C TRP A 56 27.22 -4.18 -1.98
N SER A 57 27.40 -5.50 -2.06
CA SER A 57 28.78 -6.03 -2.25
C SER A 57 29.27 -5.66 -3.60
N SER A 58 30.46 -5.02 -3.63
CA SER A 58 31.14 -4.68 -4.88
C SER A 58 31.55 -5.90 -5.71
N THR A 59 31.96 -6.99 -5.05
CA THR A 59 32.40 -8.18 -5.80
C THR A 59 31.24 -9.10 -6.23
N LEU A 60 30.19 -9.26 -5.41
CA LEU A 60 29.08 -10.06 -5.87
C LEU A 60 28.17 -9.27 -6.80
N CYS A 61 28.11 -7.94 -6.59
CA CYS A 61 27.10 -7.14 -7.30
C CYS A 61 27.72 -5.93 -8.01
N PRO A 62 28.58 -6.19 -8.99
CA PRO A 62 29.18 -5.08 -9.71
C PRO A 62 28.24 -4.36 -10.67
N ASP A 63 27.16 -5.02 -11.03
CA ASP A 63 26.20 -4.52 -12.02
C ASP A 63 24.95 -5.34 -11.87
N ASN A 64 23.86 -4.87 -12.45
CA ASN A 64 22.54 -5.38 -12.20
C ASN A 64 22.36 -6.83 -12.62
N GLU A 65 22.98 -7.21 -13.73
CA GLU A 65 22.88 -8.61 -14.22
C GLU A 65 23.73 -9.61 -13.42
N THR A 66 24.94 -9.22 -13.08
CA THR A 66 25.86 -10.04 -12.34
C THR A 66 25.35 -10.27 -10.95
N CYS A 67 24.79 -9.20 -10.35
CA CYS A 67 24.25 -9.37 -9.03
C CYS A 67 23.11 -10.40 -9.01
N ALA A 68 22.17 -10.37 -9.97
CA ALA A 68 21.01 -11.26 -10.00
C ALA A 68 21.49 -12.70 -10.16
N LYS A 69 22.56 -12.90 -10.94
CA LYS A 69 23.19 -14.26 -11.07
C LYS A 69 23.82 -14.77 -9.79
N ASN A 70 24.45 -13.89 -9.04
CA ASN A 70 25.20 -14.27 -7.89
C ASN A 70 24.45 -14.37 -6.62
N CYS A 71 23.26 -13.78 -6.57
CA CYS A 71 22.53 -13.63 -5.33
C CYS A 71 21.16 -14.28 -5.26
N CYS A 72 20.73 -14.59 -4.05
CA CYS A 72 19.45 -15.19 -3.82
C CYS A 72 18.71 -14.58 -2.67
N LEU A 73 17.38 -14.74 -2.68
CA LEU A 73 16.53 -14.31 -1.60
C LEU A 73 16.29 -15.48 -0.72
N ASP A 74 16.32 -15.25 0.54
CA ASP A 74 16.02 -16.33 1.47
C ASP A 74 14.63 -16.27 2.10
N GLY A 75 14.30 -17.30 2.85
CA GLY A 75 13.06 -17.33 3.63
C GLY A 75 12.98 -16.33 4.76
N ALA A 76 11.78 -16.22 5.31
CA ALA A 76 11.50 -15.18 6.31
C ALA A 76 11.01 -15.85 7.55
N ALA A 77 11.48 -15.40 8.72
CA ALA A 77 10.88 -15.81 10.00
C ALA A 77 9.85 -14.70 10.38
N TYR A 78 8.58 -14.94 9.99
CA TYR A 78 7.56 -13.93 9.95
C TYR A 78 7.34 -13.29 11.32
N ALA A 79 7.10 -14.09 12.34
CA ALA A 79 6.82 -13.51 13.66
C ALA A 79 8.09 -12.90 14.31
N SER A 80 9.21 -13.64 14.39
CA SER A 80 10.35 -13.13 15.15
C SER A 80 11.18 -12.03 14.48
N THR A 81 11.26 -12.09 13.14
CA THR A 81 11.94 -11.04 12.45
C THR A 81 11.07 -9.84 12.07
N TYR A 82 9.82 -10.09 11.67
CA TYR A 82 9.01 -9.07 11.03
C TYR A 82 7.83 -8.70 11.83
N GLY A 83 7.54 -9.35 12.95
CA GLY A 83 6.36 -9.01 13.71
C GLY A 83 5.05 -9.23 12.94
N VAL A 84 5.00 -10.26 12.10
CA VAL A 84 3.83 -10.60 11.30
C VAL A 84 3.27 -11.92 11.81
N THR A 85 1.99 -11.90 12.14
CA THR A 85 1.27 -13.11 12.46
C THR A 85 -0.12 -13.15 11.80
N THR A 86 -0.66 -14.36 11.63
CA THR A 86 -1.99 -14.55 11.22
C THR A 86 -2.73 -15.43 12.16
N SER A 87 -4.04 -15.19 12.26
CA SER A 87 -4.93 -15.92 13.15
C SER A 87 -6.27 -16.08 12.46
N GLY A 88 -6.48 -17.19 11.75
CA GLY A 88 -7.68 -17.40 11.03
C GLY A 88 -7.85 -16.39 9.87
N ASN A 89 -8.82 -15.53 10.05
CA ASN A 89 -9.06 -14.48 9.04
C ASN A 89 -8.43 -13.17 9.35
N SER A 90 -7.49 -13.17 10.29
CA SER A 90 -6.85 -11.90 10.80
C SER A 90 -5.37 -11.90 10.55
N LEU A 91 -4.82 -10.74 10.15
CA LEU A 91 -3.45 -10.52 9.86
C LEU A 91 -3.02 -9.34 10.77
N SER A 92 -1.97 -9.51 11.54
N SER A 92 -2.00 -9.54 11.60
CA SER A 92 -1.44 -8.45 12.37
CA SER A 92 -1.40 -8.49 12.43
C SER A 92 -0.02 -8.14 11.90
C SER A 92 -0.02 -8.14 11.87
N ILE A 93 0.26 -6.83 11.66
CA ILE A 93 1.54 -6.38 11.28
C ILE A 93 2.12 -5.42 12.32
N GLY A 94 3.27 -5.76 12.93
CA GLY A 94 3.93 -4.91 13.89
C GLY A 94 4.83 -3.89 13.25
N PHE A 95 5.16 -2.89 14.01
CA PHE A 95 5.89 -1.74 13.50
C PHE A 95 7.36 -1.99 13.64
N VAL A 96 8.01 -1.75 14.80
CA VAL A 96 9.42 -2.00 14.93
C VAL A 96 9.70 -3.33 15.55
N THR A 97 10.51 -4.15 14.96
CA THR A 97 10.91 -5.38 15.54
C THR A 97 12.46 -5.46 15.54
N GLN A 98 13.07 -5.42 16.73
CA GLN A 98 14.50 -5.55 16.86
C GLN A 98 14.92 -7.02 17.07
N SER A 99 15.65 -7.53 16.10
CA SER A 99 16.33 -8.82 16.24
C SER A 99 17.85 -8.52 16.09
N ALA A 100 18.60 -9.37 15.40
CA ALA A 100 19.94 -8.95 14.97
C ALA A 100 20.01 -7.61 14.24
N GLN A 101 18.93 -7.22 13.55
CA GLN A 101 18.86 -5.98 12.84
C GLN A 101 17.47 -5.33 13.19
N LYS A 102 17.34 -4.07 12.92
CA LYS A 102 16.08 -3.32 13.10
C LYS A 102 15.18 -3.63 11.88
N ASN A 103 13.98 -4.15 12.10
CA ASN A 103 12.93 -4.20 11.04
C ASN A 103 11.89 -3.19 11.30
N VAL A 104 11.50 -2.48 10.25
CA VAL A 104 10.41 -1.51 10.35
C VAL A 104 9.27 -1.89 9.38
N GLY A 105 8.16 -2.32 9.96
CA GLY A 105 6.99 -2.60 9.21
C GLY A 105 7.15 -3.76 8.23
N ALA A 106 6.25 -3.88 7.27
CA ALA A 106 6.23 -4.98 6.39
C ALA A 106 5.25 -4.62 5.27
N ARG A 107 5.41 -5.23 4.12
CA ARG A 107 4.47 -5.20 3.01
C ARG A 107 4.26 -6.67 2.57
N LEU A 108 3.00 -7.09 2.50
CA LEU A 108 2.58 -8.45 2.33
C LEU A 108 1.54 -8.58 1.22
N TYR A 109 1.62 -9.68 0.44
CA TYR A 109 0.65 -9.90 -0.61
C TYR A 109 -0.12 -11.14 -0.36
N LEU A 110 -1.39 -11.12 -0.76
CA LEU A 110 -2.24 -12.31 -0.61
C LEU A 110 -1.96 -13.27 -1.75
N MET A 111 -1.76 -14.53 -1.40
N MET A 111 -1.73 -14.54 -1.39
CA MET A 111 -1.45 -15.55 -2.42
CA MET A 111 -1.44 -15.60 -2.38
C MET A 111 -2.65 -16.39 -2.73
C MET A 111 -2.64 -16.45 -2.70
N ALA A 112 -2.64 -16.98 -3.92
CA ALA A 112 -3.59 -18.03 -4.37
C ALA A 112 -3.05 -19.46 -4.25
N SER A 113 -1.75 -19.58 -4.41
CA SER A 113 -1.01 -20.82 -4.23
C SER A 113 0.38 -20.46 -3.75
N ASP A 114 1.25 -21.45 -3.65
CA ASP A 114 2.64 -21.29 -3.21
C ASP A 114 3.44 -20.34 -4.17
N THR A 115 3.05 -20.28 -5.43
CA THR A 115 3.81 -19.56 -6.45
C THR A 115 3.03 -18.49 -7.18
N THR A 116 1.79 -18.14 -6.78
CA THR A 116 1.03 -17.12 -7.54
C THR A 116 0.25 -16.23 -6.56
N TYR A 117 0.23 -14.94 -6.85
CA TYR A 117 -0.62 -14.00 -6.14
C TYR A 117 -2.09 -14.21 -6.54
N GLN A 118 -2.97 -13.94 -5.57
CA GLN A 118 -4.44 -13.91 -5.86
C GLN A 118 -4.72 -12.66 -6.72
N GLU A 119 -5.48 -12.79 -7.81
CA GLU A 119 -5.79 -11.62 -8.57
C GLU A 119 -7.27 -11.34 -8.39
N PHE A 120 -7.58 -10.07 -8.17
CA PHE A 120 -8.96 -9.65 -8.02
C PHE A 120 -9.27 -8.66 -9.16
N THR A 121 -10.52 -8.81 -9.69
CA THR A 121 -11.08 -7.88 -10.66
C THR A 121 -12.08 -6.99 -9.93
N LEU A 122 -11.71 -5.75 -9.64
CA LEU A 122 -12.48 -4.89 -8.77
C LEU A 122 -13.74 -4.38 -9.43
N LEU A 123 -13.67 -4.02 -10.72
CA LEU A 123 -14.80 -3.32 -11.37
C LEU A 123 -16.10 -4.10 -11.32
N GLY A 124 -17.17 -3.48 -10.78
CA GLY A 124 -18.49 -4.07 -10.53
C GLY A 124 -18.61 -4.86 -9.22
N ASN A 125 -17.50 -4.97 -8.51
CA ASN A 125 -17.41 -5.75 -7.30
C ASN A 125 -17.21 -4.87 -6.11
N GLU A 126 -17.21 -5.51 -4.97
CA GLU A 126 -17.02 -4.84 -3.70
C GLU A 126 -16.03 -5.62 -2.82
N PHE A 127 -15.38 -4.85 -2.01
CA PHE A 127 -14.36 -5.35 -1.07
C PHE A 127 -14.65 -4.85 0.31
N SER A 128 -14.75 -5.74 1.28
CA SER A 128 -15.02 -5.37 2.64
C SER A 128 -13.91 -5.96 3.53
N PHE A 129 -13.51 -5.25 4.54
CA PHE A 129 -12.63 -5.79 5.61
C PHE A 129 -12.86 -5.07 6.89
N ASP A 130 -12.40 -5.65 8.02
CA ASP A 130 -12.37 -4.97 9.25
C ASP A 130 -10.92 -4.56 9.59
N VAL A 131 -10.80 -3.50 10.36
CA VAL A 131 -9.48 -2.98 10.73
C VAL A 131 -9.51 -2.44 12.11
N ASP A 132 -8.39 -2.67 12.88
CA ASP A 132 -8.20 -2.03 14.16
C ASP A 132 -6.98 -1.13 14.04
N VAL A 133 -7.25 0.17 14.01
CA VAL A 133 -6.24 1.20 13.89
C VAL A 133 -5.86 1.81 15.21
N SER A 134 -6.35 1.28 16.31
CA SER A 134 -6.18 1.89 17.61
C SER A 134 -4.76 2.09 18.02
N GLN A 135 -3.89 1.22 17.56
CA GLN A 135 -2.47 1.28 17.93
C GLN A 135 -1.62 1.94 16.81
N LEU A 136 -2.21 2.80 15.97
CA LEU A 136 -1.53 3.56 14.97
C LEU A 136 -1.56 5.06 15.25
N PRO A 137 -0.52 5.59 15.83
CA PRO A 137 -0.41 7.00 16.10
C PRO A 137 -0.20 7.87 14.82
N CYS A 138 -0.11 9.18 15.00
CA CYS A 138 0.30 10.07 13.92
C CYS A 138 1.58 9.54 13.27
N GLY A 139 1.76 9.68 11.95
CA GLY A 139 3.00 9.28 11.31
C GLY A 139 3.04 7.90 10.78
N LEU A 140 2.12 7.04 11.18
CA LEU A 140 2.06 5.73 10.60
C LEU A 140 0.95 5.61 9.64
N ASN A 141 1.10 4.55 8.78
CA ASN A 141 0.09 4.24 7.78
C ASN A 141 -0.10 2.76 7.74
N GLY A 142 -1.24 2.26 8.19
CA GLY A 142 -1.64 0.88 7.95
C GLY A 142 -2.44 0.83 6.69
N ALA A 143 -1.90 0.26 5.66
CA ALA A 143 -2.46 0.37 4.29
C ALA A 143 -2.97 -0.95 3.75
N LEU A 144 -4.12 -0.89 3.10
CA LEU A 144 -4.72 -2.03 2.38
C LEU A 144 -5.02 -1.50 0.97
N TYR A 145 -4.44 -2.08 -0.06
CA TYR A 145 -4.52 -1.51 -1.37
C TYR A 145 -4.25 -2.58 -2.42
N PHE A 146 -4.50 -2.17 -3.66
CA PHE A 146 -4.38 -3.05 -4.81
C PHE A 146 -3.44 -2.45 -5.81
N VAL A 147 -2.60 -3.29 -6.41
CA VAL A 147 -1.68 -2.86 -7.53
C VAL A 147 -1.81 -3.81 -8.66
N SER A 148 -1.54 -3.29 -9.84
CA SER A 148 -1.51 -4.09 -11.07
C SER A 148 -0.19 -4.81 -11.28
N MET A 149 0.12 -5.70 -10.37
CA MET A 149 1.30 -6.64 -10.42
C MET A 149 0.96 -7.92 -11.16
N ASP A 150 1.98 -8.50 -11.74
CA ASP A 150 1.82 -9.83 -12.30
C ASP A 150 1.59 -10.93 -11.28
N ALA A 151 0.71 -11.88 -11.61
CA ALA A 151 0.38 -12.96 -10.68
C ALA A 151 1.54 -13.81 -10.30
N ASP A 152 2.45 -14.02 -11.21
CA ASP A 152 3.59 -14.88 -10.95
C ASP A 152 4.80 -14.11 -10.42
N GLY A 153 4.70 -12.87 -10.06
CA GLY A 153 5.88 -12.17 -9.51
C GLY A 153 6.88 -11.73 -10.53
N GLY A 154 6.52 -11.87 -11.82
CA GLY A 154 7.34 -11.50 -12.93
C GLY A 154 8.14 -12.62 -13.59
N VAL A 155 8.05 -13.86 -13.12
CA VAL A 155 8.89 -14.92 -13.60
C VAL A 155 8.68 -15.11 -15.11
N SER A 156 7.46 -15.14 -15.62
N SER A 156 7.44 -15.04 -15.58
CA SER A 156 7.38 -15.40 -17.06
CA SER A 156 7.18 -15.33 -17.00
C SER A 156 7.95 -14.27 -17.92
C SER A 156 7.70 -14.27 -17.99
N LYS A 157 7.76 -13.02 -17.56
CA LYS A 157 8.22 -11.88 -18.35
C LYS A 157 9.72 -11.66 -18.21
N TYR A 158 10.29 -12.04 -17.04
CA TYR A 158 11.72 -11.84 -16.72
C TYR A 158 12.30 -13.06 -16.12
N PRO A 159 12.63 -14.03 -16.94
CA PRO A 159 13.02 -15.38 -16.44
C PRO A 159 14.35 -15.50 -15.69
N THR A 160 15.16 -14.42 -15.59
CA THR A 160 16.29 -14.34 -14.64
C THR A 160 15.78 -14.18 -13.18
N ASN A 161 14.46 -13.90 -13.00
CA ASN A 161 13.85 -14.01 -11.67
C ASN A 161 13.34 -15.44 -11.53
N THR A 162 14.03 -16.32 -10.78
CA THR A 162 13.50 -17.61 -10.49
C THR A 162 12.93 -17.75 -9.06
N ALA A 163 12.95 -16.68 -8.27
CA ALA A 163 12.38 -16.70 -6.89
C ALA A 163 10.85 -16.55 -6.97
N GLY A 164 10.43 -15.55 -7.74
CA GLY A 164 9.01 -15.34 -8.01
C GLY A 164 8.13 -14.96 -6.83
N ALA A 165 6.86 -15.18 -7.03
CA ALA A 165 5.84 -14.71 -6.07
C ALA A 165 6.01 -15.46 -4.75
N LYS A 166 6.52 -16.70 -4.79
CA LYS A 166 6.81 -17.43 -3.56
C LYS A 166 7.69 -16.62 -2.58
N TYR A 167 8.52 -15.74 -3.13
CA TYR A 167 9.42 -14.86 -2.33
C TYR A 167 9.08 -13.45 -2.48
N GLY A 168 7.84 -13.14 -2.93
CA GLY A 168 7.38 -11.73 -2.89
C GLY A 168 8.01 -10.79 -3.86
N THR A 169 8.44 -11.31 -5.01
CA THR A 169 8.96 -10.45 -6.09
C THR A 169 7.86 -9.76 -6.93
N GLY A 170 8.30 -8.72 -7.67
CA GLY A 170 7.48 -8.15 -8.67
C GLY A 170 6.69 -6.90 -8.35
N TYR A 171 6.97 -6.33 -7.17
CA TYR A 171 6.18 -5.16 -6.70
C TYR A 171 6.28 -3.98 -7.68
N CYS A 172 5.19 -3.25 -7.73
CA CYS A 172 5.13 -1.95 -8.43
C CYS A 172 4.00 -1.14 -7.77
N ASP A 173 4.06 0.17 -7.91
CA ASP A 173 2.98 1.03 -7.48
C ASP A 173 3.07 2.37 -8.11
N SER A 174 2.13 3.25 -7.80
CA SER A 174 2.02 4.51 -8.53
C SER A 174 3.06 5.48 -8.05
N GLN A 175 3.88 5.18 -7.05
CA GLN A 175 5.02 5.99 -6.70
C GLN A 175 6.27 5.64 -7.48
N CYS A 176 6.17 4.66 -8.35
CA CYS A 176 7.27 4.12 -9.14
C CYS A 176 8.50 3.87 -8.29
N PRO A 177 8.39 3.01 -7.30
CA PRO A 177 9.42 2.87 -6.27
C PRO A 177 10.78 2.44 -6.87
N ARG A 178 11.79 3.23 -6.46
CA ARG A 178 13.19 2.97 -6.81
C ARG A 178 13.95 2.43 -5.64
N ASP A 179 13.38 2.19 -4.47
CA ASP A 179 14.09 1.55 -3.38
C ASP A 179 14.13 0.02 -3.42
N LEU A 180 13.47 -0.51 -4.46
CA LEU A 180 13.47 -1.94 -4.63
C LEU A 180 14.85 -2.46 -5.01
N LYS A 181 15.26 -3.56 -4.44
CA LYS A 181 16.60 -4.15 -4.72
C LYS A 181 16.60 -4.98 -6.00
N PHE A 182 15.47 -5.57 -6.38
CA PHE A 182 15.32 -6.32 -7.66
C PHE A 182 14.12 -5.83 -8.38
N ILE A 183 14.33 -5.47 -9.67
CA ILE A 183 13.22 -5.13 -10.59
C ILE A 183 13.47 -5.89 -11.92
N ASN A 184 12.39 -6.54 -12.43
CA ASN A 184 12.50 -7.24 -13.74
C ASN A 184 13.64 -8.21 -13.77
N GLY A 185 13.86 -8.99 -12.70
CA GLY A 185 14.81 -10.07 -12.71
C GLY A 185 16.25 -9.61 -12.76
N GLN A 186 16.52 -8.32 -12.47
CA GLN A 186 17.84 -7.81 -12.33
C GLN A 186 17.94 -7.09 -11.01
N ALA A 187 19.15 -6.96 -10.47
CA ALA A 187 19.26 -6.07 -9.30
C ALA A 187 19.11 -4.63 -9.69
N ASN A 188 19.11 -3.81 -8.65
CA ASN A 188 19.04 -2.34 -8.88
C ASN A 188 20.22 -1.57 -8.28
N VAL A 189 21.39 -2.23 -8.25
CA VAL A 189 22.61 -1.74 -7.70
C VAL A 189 23.20 -0.58 -8.55
N GLU A 190 23.01 -0.55 -9.86
CA GLU A 190 23.49 0.50 -10.68
C GLU A 190 22.83 1.79 -10.28
N GLY A 191 23.68 2.78 -9.95
CA GLY A 191 23.27 4.09 -9.47
C GLY A 191 22.81 4.13 -7.99
N TRP A 192 23.00 3.08 -7.23
CA TRP A 192 22.48 3.01 -5.90
C TRP A 192 23.00 4.12 -5.00
N GLU A 193 22.06 4.87 -4.39
CA GLU A 193 22.36 6.02 -3.50
C GLU A 193 21.82 5.66 -2.10
N PRO A 194 22.66 5.30 -1.12
CA PRO A 194 22.20 5.02 0.26
C PRO A 194 21.45 6.22 0.81
N SER A 195 20.39 5.91 1.52
CA SER A 195 19.59 6.99 2.11
C SER A 195 20.39 7.66 3.22
N SER A 196 20.39 9.02 3.23
CA SER A 196 21.12 9.70 4.28
C SER A 196 20.46 9.53 5.63
N ASN A 197 19.13 9.33 5.62
CA ASN A 197 18.39 9.22 6.88
C ASN A 197 17.86 7.85 7.23
N ASN A 198 18.31 6.79 6.53
CA ASN A 198 17.80 5.45 6.79
C ASN A 198 18.92 4.48 6.51
N ALA A 199 19.49 3.90 7.56
CA ALA A 199 20.64 3.03 7.44
C ALA A 199 20.37 1.71 6.70
N ASN A 200 19.09 1.44 6.45
CA ASN A 200 18.65 0.16 5.80
C ASN A 200 18.18 0.29 4.38
N THR A 201 18.06 1.50 3.83
CA THR A 201 17.45 1.72 2.51
C THR A 201 18.28 2.65 1.62
N GLY A 202 17.92 2.62 0.35
CA GLY A 202 18.47 3.55 -0.62
C GLY A 202 17.59 3.62 -1.83
N ILE A 203 18.08 4.30 -2.86
CA ILE A 203 17.41 4.58 -4.10
C ILE A 203 18.29 4.11 -5.24
N GLY A 204 17.78 3.22 -6.08
CA GLY A 204 18.56 2.79 -7.23
C GLY A 204 18.24 3.55 -8.51
N GLY A 205 18.87 3.12 -9.55
CA GLY A 205 18.68 3.83 -10.81
C GLY A 205 17.42 3.50 -11.56
N HIS A 206 16.74 2.39 -11.19
CA HIS A 206 15.48 2.01 -11.83
C HIS A 206 14.34 2.02 -10.80
N GLY A 207 13.12 2.14 -11.31
CA GLY A 207 11.90 1.99 -10.46
C GLY A 207 10.89 1.11 -11.18
N SER A 208 9.77 0.82 -10.51
CA SER A 208 8.79 -0.16 -10.94
C SER A 208 7.36 0.45 -10.76
N CYS A 209 6.74 0.88 -11.86
CA CYS A 209 5.50 1.60 -11.88
C CYS A 209 4.29 0.70 -12.25
N CYS A 210 3.14 1.00 -11.62
CA CYS A 210 1.84 0.45 -12.11
C CYS A 210 0.68 1.13 -11.36
N SER A 211 -0.50 0.90 -11.92
CA SER A 211 -1.73 1.38 -11.35
C SER A 211 -1.95 0.97 -9.91
N GLU A 212 -2.55 1.84 -9.10
CA GLU A 212 -2.73 1.54 -7.70
C GLU A 212 -4.05 2.05 -7.16
N MET A 213 -4.75 1.17 -6.49
CA MET A 213 -5.98 1.60 -5.84
C MET A 213 -5.81 1.57 -4.37
N ASP A 214 -5.63 2.74 -3.70
CA ASP A 214 -5.48 2.80 -2.24
C ASP A 214 -6.86 2.79 -1.64
N ILE A 215 -7.33 1.59 -1.26
CA ILE A 215 -8.61 1.46 -0.62
C ILE A 215 -8.49 2.16 0.79
N TRP A 216 -7.41 1.96 1.48
CA TRP A 216 -7.34 2.32 2.88
C TRP A 216 -5.93 2.69 3.21
N GLU A 217 -5.66 3.96 3.43
CA GLU A 217 -4.38 4.50 4.03
C GLU A 217 -4.80 5.25 5.29
N ALA A 218 -4.38 4.77 6.48
CA ALA A 218 -5.04 5.28 7.65
C ALA A 218 -4.22 5.07 8.92
N ASN A 219 -4.51 5.88 9.90
CA ASN A 219 -4.09 5.65 11.28
C ASN A 219 -5.24 6.01 12.18
N SER A 220 -4.97 6.16 13.52
CA SER A 220 -6.05 6.53 14.39
C SER A 220 -6.56 7.92 14.23
N ILE A 221 -5.89 8.77 13.48
CA ILE A 221 -6.33 10.14 13.28
C ILE A 221 -7.01 10.46 11.95
N SER A 222 -6.52 9.87 10.84
CA SER A 222 -7.06 10.16 9.53
C SER A 222 -7.08 8.95 8.66
N GLU A 223 -7.91 9.00 7.62
CA GLU A 223 -8.00 7.96 6.65
C GLU A 223 -8.29 8.51 5.31
N ALA A 224 -7.83 7.88 4.24
CA ALA A 224 -8.02 8.36 2.87
C ALA A 224 -8.22 7.18 1.92
N LEU A 225 -9.02 7.42 0.88
CA LEU A 225 -9.37 6.55 -0.24
C LEU A 225 -8.87 7.23 -1.50
N THR A 226 -8.06 6.48 -2.30
CA THR A 226 -7.37 7.19 -3.42
C THR A 226 -7.07 6.26 -4.60
N PRO A 227 -7.69 6.50 -5.75
CA PRO A 227 -7.22 5.84 -6.99
C PRO A 227 -6.08 6.64 -7.66
N HIS A 228 -5.10 5.85 -8.18
CA HIS A 228 -3.91 6.43 -8.89
C HIS A 228 -3.79 5.78 -10.22
N PRO A 229 -4.11 6.55 -11.28
CA PRO A 229 -3.96 5.99 -12.63
C PRO A 229 -2.50 6.19 -13.14
N CYS A 230 -2.15 5.35 -14.09
CA CYS A 230 -0.84 5.40 -14.80
C CYS A 230 -1.11 5.34 -16.29
N THR A 231 -0.20 5.88 -17.06
CA THR A 231 -0.41 5.83 -18.53
C THR A 231 -0.20 4.43 -19.07
N THR A 232 0.60 3.58 -18.44
CA THR A 232 0.65 2.13 -18.74
C THR A 232 0.01 1.52 -17.48
N VAL A 233 -1.00 0.70 -17.68
CA VAL A 233 -1.80 0.24 -16.61
C VAL A 233 -0.98 -0.69 -15.71
N GLY A 234 -0.29 -1.66 -16.29
CA GLY A 234 0.44 -2.66 -15.51
C GLY A 234 1.91 -2.34 -15.30
N GLN A 235 2.68 -3.32 -14.84
CA GLN A 235 4.06 -3.10 -14.38
C GLN A 235 4.94 -2.67 -15.50
N GLU A 236 5.73 -1.61 -15.29
CA GLU A 236 6.69 -1.10 -16.26
C GLU A 236 7.89 -0.53 -15.49
N ILE A 237 9.11 -0.92 -15.93
CA ILE A 237 10.31 -0.31 -15.36
C ILE A 237 10.38 1.14 -15.83
N CYS A 238 11.01 1.99 -15.04
CA CYS A 238 11.34 3.36 -15.36
C CYS A 238 12.82 3.63 -15.00
N GLU A 239 13.39 4.67 -15.61
CA GLU A 239 14.82 4.99 -15.44
C GLU A 239 15.03 6.29 -14.73
N GLY A 240 15.73 6.23 -13.59
CA GLY A 240 16.24 7.38 -12.90
C GLY A 240 15.18 8.44 -12.58
N ASP A 241 15.52 9.69 -12.84
CA ASP A 241 14.64 10.81 -12.53
C ASP A 241 13.39 10.78 -13.39
N GLY A 242 13.45 10.15 -14.56
CA GLY A 242 12.28 9.90 -15.39
C GLY A 242 11.19 9.16 -14.67
N CYS A 243 11.50 8.54 -13.52
CA CYS A 243 10.49 7.76 -12.75
C CYS A 243 9.39 8.61 -12.16
N GLY A 244 9.66 9.84 -11.76
CA GLY A 244 8.72 10.53 -10.88
C GLY A 244 8.57 9.79 -9.57
N GLY A 245 7.46 10.04 -8.90
CA GLY A 245 7.20 9.44 -7.67
C GLY A 245 8.04 9.97 -6.52
N THR A 246 7.81 9.31 -5.39
CA THR A 246 8.39 9.70 -4.10
C THR A 246 9.92 9.67 -4.07
N TYR A 247 10.54 8.84 -4.94
CA TYR A 247 11.94 8.57 -4.86
C TYR A 247 12.73 9.35 -5.88
N SER A 248 12.07 10.27 -6.56
CA SER A 248 12.77 11.10 -7.56
C SER A 248 12.72 12.59 -7.15
N ASP A 249 13.62 13.39 -7.69
CA ASP A 249 13.56 14.79 -7.33
C ASP A 249 12.24 15.48 -7.79
N ASN A 250 11.72 15.13 -8.95
CA ASN A 250 10.43 15.71 -9.35
C ASN A 250 9.36 14.64 -9.28
N ARG A 251 8.52 14.69 -8.28
CA ARG A 251 7.52 13.65 -8.08
C ARG A 251 6.60 13.53 -9.29
N TYR A 252 6.39 14.60 -10.04
CA TYR A 252 5.32 14.66 -11.05
C TYR A 252 5.87 14.43 -12.41
N GLY A 253 7.10 13.96 -12.44
CA GLY A 253 7.90 13.82 -13.62
C GLY A 253 7.85 12.53 -14.40
N GLY A 254 6.99 11.59 -14.00
CA GLY A 254 6.90 10.28 -14.68
C GLY A 254 5.53 9.87 -15.29
N THR A 255 5.29 8.54 -15.40
CA THR A 255 4.13 7.98 -16.06
C THR A 255 2.91 7.70 -15.12
N CYS A 256 3.07 7.87 -13.80
CA CYS A 256 1.98 7.55 -12.87
C CYS A 256 1.62 8.78 -12.15
N ASP A 257 0.36 8.85 -11.63
CA ASP A 257 -0.07 9.95 -10.80
C ASP A 257 0.28 9.65 -9.37
N PRO A 258 1.17 10.43 -8.71
CA PRO A 258 1.64 10.07 -7.39
C PRO A 258 0.70 10.62 -6.31
N ASP A 259 -0.20 11.53 -6.64
CA ASP A 259 -1.11 12.12 -5.64
C ASP A 259 -2.51 11.45 -5.67
N GLY A 260 -3.03 11.12 -6.83
CA GLY A 260 -4.35 10.51 -6.91
C GLY A 260 -5.49 11.48 -6.67
N CYS A 261 -6.72 10.95 -6.82
CA CYS A 261 -7.95 11.69 -6.47
C CYS A 261 -8.39 11.17 -5.12
N ASP A 262 -7.98 11.86 -4.06
CA ASP A 262 -8.12 11.27 -2.69
C ASP A 262 -9.43 11.76 -2.13
N TRP A 263 -10.04 10.94 -1.29
CA TRP A 263 -11.20 11.35 -0.48
C TRP A 263 -10.77 11.03 0.95
N ASN A 264 -10.57 12.09 1.71
CA ASN A 264 -10.25 12.12 3.18
C ASN A 264 -11.33 12.99 3.82
N PRO A 265 -12.21 12.40 4.62
CA PRO A 265 -13.32 13.21 5.16
C PRO A 265 -12.87 14.44 5.95
N TYR A 266 -11.78 14.33 6.70
CA TYR A 266 -11.27 15.44 7.47
C TYR A 266 -10.89 16.57 6.53
N ARG A 267 -10.17 16.19 5.48
CA ARG A 267 -9.72 17.17 4.47
C ARG A 267 -10.87 17.90 3.86
N LEU A 268 -11.98 17.18 3.61
CA LEU A 268 -13.20 17.80 3.07
C LEU A 268 -14.04 18.55 4.05
N GLY A 269 -13.68 18.63 5.32
CA GLY A 269 -14.44 19.48 6.25
C GLY A 269 -15.17 18.75 7.30
N ASN A 270 -15.15 17.41 7.27
CA ASN A 270 -15.86 16.67 8.21
C ASN A 270 -14.88 16.21 9.29
N THR A 271 -14.61 17.08 10.25
CA THR A 271 -13.59 16.88 11.24
C THR A 271 -14.04 16.11 12.45
N SER A 272 -15.32 15.72 12.52
N SER A 272 -15.32 15.74 12.53
N SER A 272 -15.31 15.77 12.54
CA SER A 272 -15.85 14.89 13.62
CA SER A 272 -15.86 14.90 13.64
CA SER A 272 -15.78 14.90 13.61
C SER A 272 -16.31 13.53 13.13
C SER A 272 -16.13 13.47 13.22
C SER A 272 -16.20 13.50 13.20
N PHE A 273 -15.90 13.15 11.95
CA PHE A 273 -16.30 11.85 11.40
C PHE A 273 -15.48 10.68 11.96
N TYR A 274 -14.14 10.80 11.95
CA TYR A 274 -13.25 9.67 12.22
C TYR A 274 -12.14 10.12 13.13
N GLY A 275 -12.00 9.49 14.31
CA GLY A 275 -10.98 9.84 15.24
C GLY A 275 -11.12 9.09 16.55
N PRO A 276 -10.17 9.34 17.46
CA PRO A 276 -10.20 8.57 18.68
C PRO A 276 -11.25 9.06 19.71
N GLY A 277 -12.16 8.20 20.11
CA GLY A 277 -13.00 8.49 21.23
C GLY A 277 -14.40 8.84 20.81
N SER A 278 -15.25 9.05 21.83
CA SER A 278 -16.66 9.15 21.59
C SER A 278 -17.16 10.38 20.92
N SER A 279 -16.35 11.44 20.86
CA SER A 279 -16.76 12.58 20.03
C SER A 279 -16.70 12.39 18.52
N PHE A 280 -16.24 11.26 17.99
CA PHE A 280 -16.28 11.04 16.58
C PHE A 280 -17.33 10.03 16.17
N THR A 281 -17.86 10.14 14.94
CA THR A 281 -18.87 9.22 14.47
C THR A 281 -18.33 7.80 14.44
N LEU A 282 -17.11 7.64 13.90
CA LEU A 282 -16.32 6.37 13.91
C LEU A 282 -15.17 6.58 14.92
N ASP A 283 -15.18 5.73 15.95
CA ASP A 283 -14.26 5.83 17.08
C ASP A 283 -13.12 4.92 16.83
N THR A 284 -11.97 5.49 16.54
CA THR A 284 -10.84 4.70 16.13
C THR A 284 -10.13 3.94 17.23
N THR A 285 -10.67 4.02 18.44
CA THR A 285 -10.23 3.16 19.54
C THR A 285 -10.82 1.72 19.43
N LYS A 286 -11.81 1.57 18.55
CA LYS A 286 -12.53 0.31 18.39
C LYS A 286 -12.43 -0.11 16.89
N LYS A 287 -12.55 -1.38 16.70
CA LYS A 287 -12.55 -2.06 15.39
C LYS A 287 -13.66 -1.48 14.48
N LEU A 288 -13.39 -1.39 13.19
CA LEU A 288 -14.32 -0.80 12.20
C LEU A 288 -14.35 -1.64 10.94
N THR A 289 -15.50 -1.75 10.31
CA THR A 289 -15.68 -2.45 8.98
C THR A 289 -15.68 -1.33 7.91
N VAL A 290 -14.96 -1.60 6.83
CA VAL A 290 -14.82 -0.62 5.71
C VAL A 290 -15.25 -1.37 4.45
N VAL A 291 -16.26 -0.84 3.76
CA VAL A 291 -16.79 -1.45 2.53
C VAL A 291 -16.59 -0.45 1.34
N THR A 292 -16.11 -1.00 0.23
CA THR A 292 -15.73 -0.16 -0.93
C THR A 292 -16.25 -0.78 -2.18
N GLN A 293 -17.10 -0.08 -2.92
CA GLN A 293 -17.73 -0.64 -4.15
C GLN A 293 -17.21 0.09 -5.36
N PHE A 294 -16.86 -0.69 -6.37
CA PHE A 294 -16.39 -0.17 -7.63
C PHE A 294 -17.51 -0.16 -8.67
N GLU A 295 -18.20 1.01 -8.73
CA GLU A 295 -19.39 1.10 -9.59
C GLU A 295 -19.00 1.02 -11.05
N THR A 296 -19.94 0.51 -11.86
CA THR A 296 -19.54 0.24 -13.27
C THR A 296 -19.26 1.50 -14.06
N SER A 297 -19.70 2.70 -13.57
CA SER A 297 -19.34 3.97 -14.24
C SER A 297 -17.85 4.32 -14.04
N GLY A 298 -17.20 3.71 -13.09
CA GLY A 298 -15.85 4.12 -12.65
C GLY A 298 -15.85 4.82 -11.28
N ALA A 299 -17.02 5.16 -10.75
CA ALA A 299 -17.09 5.79 -9.48
C ALA A 299 -16.84 4.80 -8.37
N ILE A 300 -16.57 5.33 -7.21
CA ILE A 300 -16.29 4.51 -6.05
C ILE A 300 -17.23 4.96 -4.91
N ASN A 301 -17.86 3.96 -4.25
CA ASN A 301 -18.83 4.12 -3.15
C ASN A 301 -18.17 3.50 -1.93
N ARG A 302 -18.41 4.14 -0.79
CA ARG A 302 -17.84 3.75 0.50
C ARG A 302 -18.88 3.85 1.59
N TYR A 303 -18.98 2.79 2.44
CA TYR A 303 -19.67 2.93 3.72
C TYR A 303 -18.88 2.14 4.76
N TYR A 304 -19.30 2.30 6.01
CA TYR A 304 -18.59 1.81 7.18
C TYR A 304 -19.61 1.22 8.12
N VAL A 305 -19.14 0.26 8.90
CA VAL A 305 -19.92 -0.32 10.02
C VAL A 305 -19.13 -0.35 11.31
N GLN A 306 -19.74 0.10 12.40
CA GLN A 306 -19.05 0.03 13.70
C GLN A 306 -20.10 -0.30 14.73
N ASN A 307 -19.87 -1.38 15.47
CA ASN A 307 -20.80 -1.85 16.50
C ASN A 307 -22.23 -2.01 15.94
N GLY A 308 -22.31 -2.56 14.76
CA GLY A 308 -23.64 -2.84 14.14
C GLY A 308 -24.30 -1.68 13.47
N VAL A 309 -23.76 -0.44 13.57
CA VAL A 309 -24.32 0.73 12.98
C VAL A 309 -23.60 1.09 11.68
N THR A 310 -24.39 1.31 10.62
CA THR A 310 -23.85 1.65 9.30
C THR A 310 -23.79 3.14 9.12
N PHE A 311 -22.67 3.61 8.55
CA PHE A 311 -22.50 4.97 8.19
C PHE A 311 -22.07 5.08 6.74
N GLN A 312 -22.77 5.83 5.92
CA GLN A 312 -22.30 6.07 4.55
C GLN A 312 -21.13 7.09 4.58
N GLN A 313 -20.28 7.08 3.55
CA GLN A 313 -19.31 8.14 3.44
C GLN A 313 -20.03 9.51 3.68
N PRO A 314 -19.44 10.44 4.43
CA PRO A 314 -20.14 11.67 4.61
C PRO A 314 -20.20 12.52 3.35
N ASN A 315 -21.25 13.32 3.19
CA ASN A 315 -21.34 14.29 2.08
CA ASN A 315 -21.37 14.26 2.03
C ASN A 315 -20.28 15.34 2.12
N ALA A 316 -19.81 15.73 0.95
CA ALA A 316 -18.89 16.81 0.83
C ALA A 316 -19.46 17.83 -0.11
N GLU A 317 -19.14 19.12 0.07
CA GLU A 317 -19.46 20.15 -0.93
C GLU A 317 -18.13 20.76 -1.26
N LEU A 318 -17.80 20.80 -2.50
CA LEU A 318 -16.53 21.31 -2.96
C LEU A 318 -16.76 21.97 -4.28
N GLY A 319 -16.59 23.27 -4.42
CA GLY A 319 -16.97 23.81 -5.73
C GLY A 319 -18.46 23.57 -6.06
N SER A 320 -18.75 23.18 -7.29
CA SER A 320 -20.13 22.86 -7.69
C SER A 320 -20.45 21.43 -7.35
N TYR A 321 -19.53 20.66 -6.77
CA TYR A 321 -19.88 19.27 -6.45
C TYR A 321 -20.57 19.22 -5.09
N SER A 322 -21.59 18.39 -4.99
CA SER A 322 -22.15 18.04 -3.69
C SER A 322 -22.54 16.53 -3.80
N GLY A 323 -22.10 15.72 -2.87
CA GLY A 323 -22.38 14.29 -2.90
C GLY A 323 -21.44 13.58 -1.98
N ASN A 324 -21.52 12.24 -1.95
CA ASN A 324 -20.67 11.42 -1.12
C ASN A 324 -19.93 10.32 -1.89
N GLU A 325 -19.91 10.41 -3.18
CA GLU A 325 -19.27 9.40 -4.04
C GLU A 325 -18.10 9.95 -4.78
N LEU A 326 -17.05 9.15 -4.85
CA LEU A 326 -15.83 9.51 -5.51
C LEU A 326 -16.09 9.26 -6.99
N ASN A 327 -16.38 10.29 -7.75
CA ASN A 327 -16.81 10.19 -9.11
C ASN A 327 -16.13 11.25 -9.96
N ASP A 328 -16.38 11.25 -11.27
CA ASP A 328 -15.74 12.26 -12.09
C ASP A 328 -16.02 13.69 -11.64
N ASP A 329 -17.22 14.01 -11.22
CA ASP A 329 -17.53 15.36 -10.80
C ASP A 329 -16.66 15.71 -9.57
N TYR A 330 -16.50 14.77 -8.64
CA TYR A 330 -15.69 15.03 -7.48
C TYR A 330 -14.27 15.33 -7.87
N CYS A 331 -13.68 14.51 -8.75
CA CYS A 331 -12.27 14.57 -9.01
C CYS A 331 -11.99 15.89 -9.78
N THR A 332 -12.93 16.31 -10.62
CA THR A 332 -12.81 17.57 -11.35
C THR A 332 -12.89 18.72 -10.36
N ALA A 333 -13.84 18.69 -9.45
CA ALA A 333 -14.01 19.77 -8.43
C ALA A 333 -12.76 19.81 -7.52
N GLU A 334 -12.20 18.63 -7.16
CA GLU A 334 -11.05 18.56 -6.31
C GLU A 334 -9.87 19.29 -6.95
N GLU A 335 -9.63 18.99 -8.23
CA GLU A 335 -8.50 19.64 -8.87
C GLU A 335 -8.79 21.16 -8.92
N ALA A 336 -10.04 21.56 -9.11
CA ALA A 336 -10.35 23.01 -9.26
C ALA A 336 -10.18 23.75 -7.97
N GLU A 337 -10.55 23.12 -6.84
CA GLU A 337 -10.59 23.75 -5.51
C GLU A 337 -9.31 23.62 -4.76
N PHE A 338 -8.69 22.48 -4.84
CA PHE A 338 -7.47 22.17 -4.10
C PHE A 338 -6.22 22.25 -4.96
N GLY A 339 -6.37 22.31 -6.27
CA GLY A 339 -5.22 22.42 -7.14
C GLY A 339 -4.72 21.08 -7.58
N GLY A 340 -3.78 21.08 -8.50
CA GLY A 340 -3.22 19.82 -9.03
C GLY A 340 -3.79 19.43 -10.39
N SER A 341 -3.00 18.71 -11.18
CA SER A 341 -3.50 18.17 -12.42
C SER A 341 -2.93 16.82 -12.82
N SER A 342 -2.24 16.11 -11.91
N SER A 342 -2.25 16.11 -11.91
CA SER A 342 -1.63 14.83 -12.26
C SER A 342 -2.74 13.76 -12.50
N PHE A 343 -3.84 13.84 -11.72
CA PHE A 343 -4.87 12.85 -11.92
C PHE A 343 -5.54 12.89 -13.28
N SER A 344 -5.94 14.05 -13.66
CA SER A 344 -6.54 14.16 -14.97
C SER A 344 -5.51 14.07 -16.12
N ASP A 345 -4.25 14.52 -15.91
CA ASP A 345 -3.15 14.35 -16.92
C ASP A 345 -2.98 12.87 -17.21
N LYS A 346 -3.19 12.00 -16.22
CA LYS A 346 -2.97 10.57 -16.45
C LYS A 346 -4.27 9.85 -16.89
N GLY A 347 -5.35 10.57 -17.11
CA GLY A 347 -6.56 10.01 -17.70
C GLY A 347 -7.70 9.78 -16.63
N GLY A 348 -7.48 10.15 -15.38
CA GLY A 348 -8.58 10.15 -14.43
C GLY A 348 -9.24 8.79 -14.16
N LEU A 349 -10.54 8.84 -13.83
CA LEU A 349 -11.24 7.61 -13.49
C LEU A 349 -11.46 6.72 -14.74
N THR A 350 -11.46 7.29 -15.93
CA THR A 350 -11.57 6.47 -17.15
C THR A 350 -10.31 5.66 -17.39
N GLN A 351 -9.12 6.21 -17.18
CA GLN A 351 -7.91 5.40 -17.26
C GLN A 351 -7.83 4.42 -16.13
N PHE A 352 -8.31 4.86 -14.96
CA PHE A 352 -8.29 3.94 -13.81
C PHE A 352 -9.17 2.71 -13.98
N LYS A 353 -10.26 2.84 -14.72
CA LYS A 353 -11.14 1.69 -15.04
C LYS A 353 -10.42 0.60 -15.81
N LYS A 354 -9.36 0.95 -16.55
CA LYS A 354 -8.56 -0.08 -17.22
C LYS A 354 -7.87 -1.00 -16.21
N ALA A 355 -7.46 -0.43 -15.07
CA ALA A 355 -6.79 -1.19 -14.06
C ALA A 355 -7.82 -2.06 -13.36
N THR A 356 -8.96 -1.46 -12.98
CA THR A 356 -9.92 -2.26 -12.21
C THR A 356 -10.74 -3.26 -12.99
N SER A 357 -10.76 -3.12 -14.32
N SER A 357 -10.73 -3.16 -14.32
CA SER A 357 -11.26 -4.12 -15.21
CA SER A 357 -11.31 -4.15 -15.14
C SER A 357 -10.39 -5.34 -15.37
C SER A 357 -10.38 -5.32 -15.43
N GLY A 358 -9.09 -5.17 -15.09
CA GLY A 358 -8.09 -6.24 -15.11
C GLY A 358 -7.82 -6.79 -13.75
N GLY A 359 -6.81 -7.61 -13.61
CA GLY A 359 -6.52 -8.17 -12.28
C GLY A 359 -5.60 -7.28 -11.51
N MET A 360 -5.82 -7.22 -10.19
CA MET A 360 -4.93 -6.52 -9.27
C MET A 360 -4.65 -7.42 -8.07
N VAL A 361 -3.50 -7.20 -7.42
CA VAL A 361 -2.99 -7.97 -6.25
C VAL A 361 -3.34 -7.15 -5.00
N LEU A 362 -3.76 -7.85 -3.95
CA LEU A 362 -4.05 -7.25 -2.67
C LEU A 362 -2.73 -7.17 -1.88
N VAL A 363 -2.50 -5.97 -1.39
CA VAL A 363 -1.30 -5.65 -0.59
C VAL A 363 -1.80 -5.16 0.81
N MET A 364 -1.15 -5.59 1.90
CA MET A 364 -1.40 -5.04 3.21
C MET A 364 -0.06 -4.68 3.80
N SER A 365 0.06 -3.53 4.36
CA SER A 365 1.34 -3.02 4.79
C SER A 365 1.22 -2.15 6.03
N LEU A 366 2.38 -1.94 6.65
CA LEU A 366 2.50 -0.90 7.68
C LEU A 366 3.82 -0.25 7.47
N TRP A 367 3.79 1.07 7.41
CA TRP A 367 4.93 1.87 7.14
C TRP A 367 4.97 3.26 7.80
N ASP A 368 6.20 3.78 7.99
CA ASP A 368 6.38 5.20 8.27
C ASP A 368 7.03 5.78 7.04
N ASP A 369 7.12 7.08 6.99
CA ASP A 369 7.38 7.86 5.77
C ASP A 369 8.65 8.69 5.88
N TYR A 370 9.77 8.18 5.37
CA TYR A 370 11.00 8.86 5.42
C TYR A 370 11.11 10.02 4.45
N TYR A 371 10.11 10.22 3.57
CA TYR A 371 10.10 11.28 2.57
C TYR A 371 9.22 12.44 2.90
N ALA A 372 7.97 12.22 3.27
CA ALA A 372 7.05 13.28 3.62
C ALA A 372 6.39 13.14 5.04
N ASN A 373 6.89 12.20 5.83
CA ASN A 373 6.51 12.03 7.27
C ASN A 373 4.95 11.83 7.47
N MET A 374 4.26 11.34 6.41
CA MET A 374 2.84 11.02 6.44
C MET A 374 2.02 12.28 6.67
N LEU A 375 2.63 13.46 6.40
CA LEU A 375 1.86 14.70 6.66
C LEU A 375 0.70 14.95 5.72
N TRP A 376 0.82 14.33 4.56
CA TRP A 376 -0.20 14.33 3.50
C TRP A 376 -1.50 13.62 3.92
N LEU A 377 -1.31 12.68 4.87
CA LEU A 377 -2.42 11.89 5.44
C LEU A 377 -3.08 12.55 6.62
N ASP A 378 -2.28 13.04 7.55
CA ASP A 378 -2.82 13.41 8.87
C ASP A 378 -2.46 14.73 9.45
N SER A 379 -1.92 15.65 8.64
CA SER A 379 -1.43 16.92 9.12
C SER A 379 -1.74 18.00 8.10
N THR A 380 -1.08 19.18 8.16
CA THR A 380 -1.16 20.24 7.17
C THR A 380 -0.11 20.00 6.14
N TYR A 381 -0.51 20.02 4.87
CA TYR A 381 0.38 19.64 3.78
C TYR A 381 -0.18 20.30 2.51
N PRO A 382 0.72 20.76 1.62
CA PRO A 382 2.19 20.81 1.78
C PRO A 382 2.58 21.81 2.84
N THR A 383 3.77 21.59 3.34
CA THR A 383 4.19 22.31 4.55
C THR A 383 4.61 23.73 4.32
N ASN A 384 4.71 24.15 3.06
CA ASN A 384 4.85 25.55 2.81
C ASN A 384 3.52 26.33 2.81
N GLU A 385 2.40 25.59 2.92
CA GLU A 385 1.08 26.23 2.91
C GLU A 385 0.64 26.57 4.30
N THR A 386 -0.63 26.93 4.50
CA THR A 386 -1.13 27.27 5.86
C THR A 386 -2.50 26.62 6.01
N SER A 387 -3.04 26.63 7.21
CA SER A 387 -4.40 26.14 7.39
C SER A 387 -5.46 26.83 6.57
N SER A 388 -5.27 28.09 6.19
N SER A 388 -5.25 28.09 6.16
CA SER A 388 -6.25 28.75 5.34
CA SER A 388 -6.21 28.77 5.28
C SER A 388 -6.26 28.24 3.86
C SER A 388 -6.15 28.42 3.77
N THR A 389 -5.20 27.59 3.39
CA THR A 389 -5.14 27.14 2.00
C THR A 389 -6.16 25.99 1.87
N PRO A 390 -7.02 26.06 0.82
CA PRO A 390 -8.02 24.98 0.65
C PRO A 390 -7.39 23.63 0.54
N GLY A 391 -7.90 22.66 1.37
CA GLY A 391 -7.44 21.30 1.30
C GLY A 391 -6.14 21.01 2.06
N ALA A 392 -5.57 22.03 2.71
CA ALA A 392 -4.23 21.80 3.27
C ALA A 392 -4.33 20.98 4.54
N VAL A 393 -5.38 21.09 5.31
CA VAL A 393 -5.44 20.37 6.58
C VAL A 393 -6.10 19.01 6.41
N ARG A 394 -5.38 17.92 6.64
CA ARG A 394 -5.86 16.57 6.44
C ARG A 394 -6.03 15.83 7.71
N GLY A 395 -5.56 16.36 8.83
CA GLY A 395 -5.73 15.74 10.14
C GLY A 395 -5.20 16.68 11.18
N SER A 396 -5.25 16.26 12.42
CA SER A 396 -4.84 17.12 13.54
C SER A 396 -3.40 16.91 14.04
N CYS A 397 -2.59 16.07 13.39
CA CYS A 397 -1.25 15.75 13.78
C CYS A 397 -0.32 17.00 13.57
N SER A 398 0.67 17.10 14.45
CA SER A 398 1.74 18.10 14.36
C SER A 398 2.67 17.75 13.23
N THR A 399 3.42 18.79 12.77
CA THR A 399 4.42 18.53 11.75
C THR A 399 5.50 17.54 12.07
N SER A 400 5.98 17.52 13.35
CA SER A 400 7.14 16.74 13.71
C SER A 400 6.82 15.36 14.23
N SER A 401 5.58 15.09 14.56
CA SER A 401 5.34 13.73 15.17
C SER A 401 5.52 12.56 14.22
N GLY A 402 5.50 12.74 12.90
CA GLY A 402 5.72 11.67 11.95
C GLY A 402 7.13 11.48 11.41
N VAL A 403 8.10 12.16 12.03
CA VAL A 403 9.52 11.89 11.69
C VAL A 403 9.86 10.44 12.14
N PRO A 404 10.42 9.58 11.27
CA PRO A 404 10.62 8.17 11.60
C PRO A 404 11.41 8.04 12.88
N ALA A 405 12.44 8.84 13.15
CA ALA A 405 13.25 8.60 14.33
C ALA A 405 12.39 8.82 15.57
N GLN A 406 11.42 9.72 15.51
CA GLN A 406 10.54 10.01 16.63
C GLN A 406 9.55 8.87 16.78
N VAL A 407 8.83 8.51 15.72
CA VAL A 407 7.77 7.54 15.86
C VAL A 407 8.36 6.17 16.18
N GLU A 408 9.47 5.82 15.61
CA GLU A 408 10.11 4.53 15.88
C GLU A 408 10.59 4.40 17.30
N SER A 409 11.05 5.50 17.87
N SER A 409 10.97 5.52 17.89
CA SER A 409 11.45 5.49 19.26
CA SER A 409 11.38 5.55 19.29
C SER A 409 10.28 5.53 20.24
C SER A 409 10.23 5.50 20.26
N GLN A 410 9.21 6.28 19.99
CA GLN A 410 8.14 6.52 20.89
C GLN A 410 7.09 5.43 20.79
N SER A 411 6.84 4.86 19.59
CA SER A 411 5.73 3.97 19.40
C SER A 411 6.15 2.68 18.67
N PRO A 412 7.27 2.00 19.13
CA PRO A 412 7.74 0.82 18.39
C PRO A 412 6.73 -0.33 18.29
N ASN A 413 5.89 -0.43 19.30
CA ASN A 413 4.88 -1.44 19.34
C ASN A 413 3.52 -1.06 18.82
N ALA A 414 3.52 -0.07 17.96
CA ALA A 414 2.39 0.20 17.07
C ALA A 414 2.15 -0.97 16.21
N LYS A 415 0.93 -1.18 15.83
CA LYS A 415 0.58 -2.33 14.96
C LYS A 415 -0.79 -2.12 14.34
N VAL A 416 -1.02 -2.78 13.21
CA VAL A 416 -2.37 -2.82 12.58
C VAL A 416 -2.86 -4.20 12.47
N THR A 417 -4.17 -4.36 12.62
CA THR A 417 -4.74 -5.66 12.43
C THR A 417 -5.85 -5.56 11.37
N PHE A 418 -5.65 -6.28 10.25
CA PHE A 418 -6.68 -6.47 9.18
C PHE A 418 -7.38 -7.78 9.35
N SER A 419 -8.69 -7.81 9.17
CA SER A 419 -9.35 -9.10 9.29
C SER A 419 -10.62 -9.16 8.47
N ASN A 420 -11.16 -10.37 8.36
CA ASN A 420 -12.45 -10.57 7.79
C ASN A 420 -12.63 -9.96 6.40
N ILE A 421 -11.72 -10.31 5.57
CA ILE A 421 -11.75 -9.87 4.15
C ILE A 421 -12.87 -10.60 3.44
N LYS A 422 -13.71 -9.84 2.72
CA LYS A 422 -14.85 -10.37 1.92
C LYS A 422 -14.83 -9.70 0.60
N PHE A 423 -15.05 -10.45 -0.45
CA PHE A 423 -15.03 -9.93 -1.84
C PHE A 423 -16.04 -10.62 -2.67
N GLY A 424 -16.77 -9.86 -3.53
CA GLY A 424 -17.79 -10.38 -4.42
C GLY A 424 -18.51 -9.26 -5.12
N PRO A 425 -19.55 -9.60 -5.88
CA PRO A 425 -20.34 -8.60 -6.58
C PRO A 425 -20.89 -7.57 -5.65
N ILE A 426 -21.12 -6.36 -6.17
CA ILE A 426 -21.73 -5.32 -5.35
C ILE A 426 -22.97 -5.83 -4.63
N GLY A 427 -23.06 -5.54 -3.33
CA GLY A 427 -24.17 -5.94 -2.50
C GLY A 427 -24.08 -7.31 -1.88
N SER A 428 -22.98 -8.01 -2.07
CA SER A 428 -22.92 -9.42 -1.61
C SER A 428 -22.12 -9.65 -0.35
N THR A 429 -21.31 -8.69 0.07
CA THR A 429 -20.38 -8.98 1.20
C THR A 429 -21.02 -9.00 2.53
N GLY A 430 -22.24 -8.51 2.67
CA GLY A 430 -23.03 -8.78 3.86
C GLY A 430 -23.68 -10.16 3.95
N ASN A 431 -23.48 -11.05 2.96
CA ASN A 431 -24.10 -12.38 2.96
C ASN A 431 -23.52 -13.34 4.04
N PRO A 432 -24.36 -14.28 4.54
CA PRO A 432 -23.91 -15.18 5.58
C PRO A 432 -22.85 -16.14 5.08
#